data_3DR2
#
_entry.id   3DR2
#
_cell.length_a   115.541
_cell.length_b   89.741
_cell.length_c   85.228
_cell.angle_alpha   90.00
_cell.angle_beta   127.71
_cell.angle_gamma   90.00
#
_symmetry.space_group_name_H-M   'C 1 2 1'
#
loop_
_entity.id
_entity.type
_entity.pdbx_description
1 polymer 'Exported gluconolactonase'
2 non-polymer 'CALCIUM ION'
3 water water
#
_entity_poly.entity_id   1
_entity_poly.type   'polypeptide(L)'
_entity_poly.pdbx_seq_one_letter_code
;MDSHCRVRPAGPAVPADCDPPRITHAALAARLGDARLLTLYDQATWSEGPAWWEAQRTLVWSDLVGRRVLGWREDGTVDV
LLDATAFTNGNAVDAQQRLVHCEHGRRAITRSDADGQAHLLVGRYAGKRLNSPNDLIVARDGAIWFTDPPFGLRKPSQGC
PADPELAHHSVYRLPPDGSPLQRMADLDHPNGLAFSPDEQTLYVSQTPEQGHGSVEITAFAWRDGALHDRRHFASVPDGL
PDGFCVDRGGWLWSSSGTGVCVFDSDGQLLGHIPTPGTASNCTFDQAQQRLFITGGPCLWMLPLP
;
_entity_poly.pdbx_strand_id   A,B
#
loop_
_chem_comp.id
_chem_comp.type
_chem_comp.name
_chem_comp.formula
CA non-polymer 'CALCIUM ION' 'Ca 2'
#
# COMPACT_ATOMS: atom_id res chain seq x y z
N HIS A 4 0.14 -16.73 -1.41
CA HIS A 4 0.54 -17.55 -0.23
C HIS A 4 2.04 -17.50 0.01
N CYS A 5 2.71 -16.47 -0.49
CA CYS A 5 4.16 -16.43 -0.30
C CYS A 5 4.58 -16.06 1.12
N ARG A 6 5.81 -16.40 1.45
CA ARG A 6 6.36 -16.11 2.77
C ARG A 6 7.00 -14.73 2.70
N VAL A 7 6.53 -13.80 3.53
CA VAL A 7 7.07 -12.45 3.54
C VAL A 7 8.10 -12.17 4.64
N ARG A 8 8.27 -13.13 5.55
CA ARG A 8 9.27 -13.01 6.62
C ARG A 8 9.72 -14.43 6.97
N PRO A 9 11.03 -14.69 6.89
CA PRO A 9 11.51 -16.03 7.23
C PRO A 9 11.41 -16.26 8.73
N ALA A 10 11.46 -17.53 9.15
CA ALA A 10 11.41 -17.85 10.56
C ALA A 10 12.60 -17.14 11.19
N GLY A 11 12.49 -16.80 12.46
CA GLY A 11 13.58 -16.11 13.12
C GLY A 11 13.10 -15.35 14.33
N PRO A 12 13.99 -15.11 15.30
CA PRO A 12 13.65 -14.39 16.54
C PRO A 12 13.18 -12.96 16.32
N ALA A 13 12.30 -12.51 17.22
CA ALA A 13 11.79 -11.16 17.18
C ALA A 13 12.90 -10.22 17.64
N VAL A 14 12.75 -8.95 17.32
CA VAL A 14 13.72 -7.93 17.69
C VAL A 14 13.04 -6.94 18.62
N PRO A 15 13.70 -6.55 19.73
CA PRO A 15 13.08 -5.59 20.65
C PRO A 15 12.70 -4.30 19.93
N ALA A 16 11.55 -3.74 20.27
CA ALA A 16 11.08 -2.52 19.64
C ALA A 16 11.81 -1.31 20.22
N ASP A 17 12.01 -0.30 19.41
CA ASP A 17 12.69 0.90 19.87
C ASP A 17 11.68 1.90 20.43
N CYS A 18 11.35 1.74 21.70
CA CYS A 18 10.40 2.62 22.36
C CYS A 18 10.59 2.54 23.87
N ASP A 19 9.95 3.45 24.60
CA ASP A 19 10.08 3.46 26.05
C ASP A 19 9.31 2.30 26.66
N PRO A 20 9.77 1.81 27.83
CA PRO A 20 9.08 0.70 28.49
C PRO A 20 7.75 1.18 29.06
N PRO A 21 6.87 0.25 29.45
CA PRO A 21 5.55 0.61 30.00
C PRO A 21 5.57 1.55 31.21
N ARG A 22 4.61 2.46 31.22
CA ARG A 22 4.42 3.44 32.29
C ARG A 22 3.23 2.93 33.09
N ILE A 23 3.51 2.24 34.20
CA ILE A 23 2.46 1.65 35.02
C ILE A 23 2.29 2.25 36.41
N THR A 24 1.12 2.81 36.66
CA THR A 24 0.83 3.39 37.96
C THR A 24 0.11 2.37 38.83
N HIS A 25 -0.78 1.60 38.23
CA HIS A 25 -1.55 0.58 38.94
C HIS A 25 -0.66 -0.59 39.37
N ALA A 26 -0.82 -1.05 40.60
CA ALA A 26 -0.03 -2.16 41.11
C ALA A 26 -0.43 -3.48 40.44
N ALA A 27 -1.72 -3.65 40.22
CA ALA A 27 -2.25 -4.86 39.59
C ALA A 27 -1.74 -5.03 38.16
N LEU A 28 -1.65 -3.92 37.43
CA LEU A 28 -1.16 -3.98 36.05
C LEU A 28 0.35 -4.19 36.03
N ALA A 29 1.04 -3.64 37.03
CA ALA A 29 2.49 -3.78 37.11
C ALA A 29 2.82 -5.26 37.31
N ALA A 30 1.96 -5.95 38.05
CA ALA A 30 2.15 -7.37 38.32
C ALA A 30 1.88 -8.18 37.04
N ARG A 31 0.83 -7.81 36.32
CA ARG A 31 0.47 -8.49 35.08
C ARG A 31 1.59 -8.41 34.04
N LEU A 32 2.21 -7.24 33.92
CA LEU A 32 3.28 -7.02 32.94
C LEU A 32 4.68 -7.43 33.38
N GLY A 33 5.00 -7.28 34.66
CA GLY A 33 6.33 -7.63 35.11
C GLY A 33 7.32 -6.78 34.34
N ASP A 34 8.43 -7.38 33.91
CA ASP A 34 9.45 -6.65 33.16
C ASP A 34 9.34 -6.85 31.65
N ALA A 35 8.13 -7.16 31.18
CA ALA A 35 7.89 -7.37 29.76
C ALA A 35 8.27 -6.16 28.93
N ARG A 36 8.95 -6.40 27.81
CA ARG A 36 9.36 -5.35 26.89
C ARG A 36 8.76 -5.67 25.52
N LEU A 37 8.36 -4.63 24.78
CA LEU A 37 7.73 -4.82 23.48
C LEU A 37 8.70 -5.33 22.41
N LEU A 38 8.20 -6.24 21.56
CA LEU A 38 8.98 -6.82 20.48
C LEU A 38 8.36 -6.49 19.14
N THR A 39 9.17 -6.53 18.09
CA THR A 39 8.71 -6.29 16.73
C THR A 39 8.68 -7.63 16.01
N LEU A 40 7.50 -8.03 15.53
CA LEU A 40 7.35 -9.30 14.83
C LEU A 40 7.37 -9.13 13.30
N TYR A 41 7.03 -7.94 12.84
CA TYR A 41 7.00 -7.66 11.41
C TYR A 41 7.06 -6.15 11.25
N ASP A 42 7.76 -5.67 10.23
CA ASP A 42 7.84 -4.23 10.02
C ASP A 42 7.84 -3.87 8.55
N GLN A 43 7.28 -4.76 7.72
CA GLN A 43 7.27 -4.52 6.28
C GLN A 43 5.90 -4.27 5.64
N ALA A 44 4.88 -4.01 6.44
CA ALA A 44 3.56 -3.73 5.88
C ALA A 44 3.43 -2.23 5.67
N THR A 45 2.23 -1.76 5.33
CA THR A 45 2.03 -0.33 5.18
C THR A 45 1.02 0.16 6.22
N TRP A 46 -0.11 -0.54 6.35
CA TRP A 46 -1.13 -0.13 7.32
C TRP A 46 -1.70 -1.36 8.00
N SER A 47 -1.02 -1.81 9.05
CA SER A 47 -1.43 -3.00 9.80
C SER A 47 -2.69 -2.75 10.61
N GLU A 48 -3.59 -3.73 10.58
CA GLU A 48 -4.87 -3.62 11.28
C GLU A 48 -5.49 -4.99 11.56
N GLY A 49 -6.58 -4.97 12.32
CA GLY A 49 -7.34 -6.17 12.65
C GLY A 49 -6.68 -7.47 13.07
N PRO A 50 -5.87 -7.46 14.14
CA PRO A 50 -5.21 -8.68 14.61
C PRO A 50 -6.20 -9.61 15.30
N ALA A 51 -6.08 -10.90 15.00
CA ALA A 51 -6.97 -11.91 15.57
C ALA A 51 -6.19 -13.21 15.76
N TRP A 52 -6.27 -13.76 16.96
CA TRP A 52 -5.57 -15.00 17.25
C TRP A 52 -6.38 -16.18 16.73
N TRP A 53 -5.73 -17.02 15.92
CA TRP A 53 -6.35 -18.18 15.30
C TRP A 53 -5.79 -19.44 15.96
N GLU A 54 -6.46 -19.91 17.01
CA GLU A 54 -6.03 -21.08 17.76
C GLU A 54 -5.77 -22.32 16.90
N ALA A 55 -6.71 -22.65 16.03
CA ALA A 55 -6.59 -23.83 15.18
C ALA A 55 -5.27 -23.89 14.39
N GLN A 56 -4.70 -22.74 14.06
CA GLN A 56 -3.46 -22.69 13.32
C GLN A 56 -2.32 -22.04 14.10
N ARG A 57 -2.58 -21.77 15.39
CA ARG A 57 -1.61 -21.11 16.27
C ARG A 57 -0.91 -19.99 15.52
N THR A 58 -1.73 -19.16 14.89
CA THR A 58 -1.26 -18.05 14.07
C THR A 58 -1.96 -16.74 14.42
N LEU A 59 -1.20 -15.64 14.42
CA LEU A 59 -1.79 -14.33 14.67
C LEU A 59 -2.10 -13.78 13.27
N VAL A 60 -3.39 -13.63 12.97
CA VAL A 60 -3.86 -13.14 11.68
C VAL A 60 -4.08 -11.63 11.75
N TRP A 61 -3.61 -10.88 10.76
CA TRP A 61 -3.86 -9.44 10.76
C TRP A 61 -3.81 -8.93 9.33
N SER A 62 -4.35 -7.73 9.10
CA SER A 62 -4.39 -7.18 7.76
C SER A 62 -3.40 -6.06 7.46
N ASP A 63 -2.95 -6.02 6.21
CA ASP A 63 -2.14 -4.90 5.76
C ASP A 63 -3.20 -4.28 4.86
N LEU A 64 -4.00 -3.37 5.42
CA LEU A 64 -5.09 -2.73 4.70
C LEU A 64 -4.70 -2.12 3.37
N VAL A 65 -3.69 -1.26 3.41
CA VAL A 65 -3.24 -0.58 2.21
C VAL A 65 -2.50 -1.51 1.24
N GLY A 66 -1.81 -2.52 1.76
CA GLY A 66 -1.09 -3.47 0.94
C GLY A 66 -1.99 -4.55 0.39
N ARG A 67 -3.26 -4.55 0.83
CA ARG A 67 -4.25 -5.51 0.38
C ARG A 67 -3.87 -6.97 0.58
N ARG A 68 -3.53 -7.29 1.81
CA ARG A 68 -3.17 -8.65 2.19
C ARG A 68 -3.64 -8.92 3.61
N VAL A 69 -3.86 -10.21 3.90
CA VAL A 69 -4.19 -10.65 5.25
C VAL A 69 -3.00 -11.56 5.51
N LEU A 70 -2.20 -11.21 6.53
CA LEU A 70 -0.99 -11.95 6.88
C LEU A 70 -1.17 -12.87 8.08
N GLY A 71 -0.27 -13.84 8.19
CA GLY A 71 -0.32 -14.77 9.31
C GLY A 71 1.04 -14.96 9.95
N TRP A 72 1.13 -14.63 11.23
CA TRP A 72 2.38 -14.78 11.98
C TRP A 72 2.39 -16.16 12.63
N ARG A 73 3.42 -16.95 12.33
CA ARG A 73 3.59 -18.29 12.88
C ARG A 73 4.49 -18.15 14.12
N GLU A 74 4.33 -19.05 15.08
CA GLU A 74 5.12 -18.94 16.31
C GLU A 74 6.64 -19.04 16.17
N ASP A 75 7.13 -19.49 15.02
CA ASP A 75 8.58 -19.57 14.82
C ASP A 75 9.08 -18.27 14.19
N GLY A 76 8.18 -17.30 14.07
CA GLY A 76 8.53 -16.00 13.52
C GLY A 76 8.18 -15.80 12.07
N THR A 77 7.83 -16.88 11.39
CA THR A 77 7.48 -16.81 9.97
C THR A 77 6.20 -16.03 9.78
N VAL A 78 6.12 -15.29 8.67
CA VAL A 78 4.91 -14.54 8.33
C VAL A 78 4.59 -14.94 6.91
N ASP A 79 3.38 -15.46 6.71
CA ASP A 79 2.91 -15.91 5.41
C ASP A 79 1.72 -15.07 4.96
N VAL A 80 1.50 -15.01 3.66
CA VAL A 80 0.35 -14.29 3.13
C VAL A 80 -0.79 -15.29 3.13
N LEU A 81 -1.83 -15.04 3.93
CA LEU A 81 -2.99 -15.92 4.01
C LEU A 81 -4.02 -15.60 2.93
N LEU A 82 -4.22 -14.31 2.67
CA LEU A 82 -5.14 -13.84 1.64
C LEU A 82 -4.41 -12.73 0.89
N ASP A 83 -4.34 -12.83 -0.44
CA ASP A 83 -3.63 -11.86 -1.24
C ASP A 83 -4.55 -11.04 -2.16
N ALA A 84 -4.09 -9.85 -2.51
CA ALA A 84 -4.85 -8.93 -3.38
C ALA A 84 -6.28 -8.79 -2.91
N THR A 85 -6.45 -8.51 -1.62
CA THR A 85 -7.76 -8.38 -1.01
C THR A 85 -8.51 -7.12 -1.41
N ALA A 86 -9.82 -7.12 -1.16
CA ALA A 86 -10.65 -5.98 -1.44
C ALA A 86 -10.60 -5.09 -0.20
N PHE A 87 -9.37 -4.70 0.15
CA PHE A 87 -9.12 -3.84 1.31
C PHE A 87 -9.69 -4.36 2.61
N THR A 88 -9.27 -5.57 2.98
CA THR A 88 -9.71 -6.20 4.21
C THR A 88 -9.12 -5.44 5.39
N ASN A 89 -9.95 -5.17 6.39
CA ASN A 89 -9.55 -4.44 7.58
C ASN A 89 -9.62 -5.36 8.80
N GLY A 90 -10.71 -5.29 9.57
CA GLY A 90 -10.82 -6.14 10.73
C GLY A 90 -10.90 -7.63 10.43
N ASN A 91 -10.36 -8.44 11.34
CA ASN A 91 -10.41 -9.90 11.25
C ASN A 91 -10.85 -10.42 12.61
N ALA A 92 -11.47 -11.59 12.61
CA ALA A 92 -11.94 -12.24 13.83
C ALA A 92 -12.04 -13.72 13.51
N VAL A 93 -12.23 -14.53 14.55
CA VAL A 93 -12.33 -15.97 14.39
C VAL A 93 -13.62 -16.45 15.02
N ASP A 94 -14.44 -17.18 14.26
CA ASP A 94 -15.70 -17.65 14.80
C ASP A 94 -15.55 -18.91 15.63
N ALA A 95 -16.66 -19.41 16.16
CA ALA A 95 -16.64 -20.59 17.00
C ALA A 95 -16.10 -21.83 16.28
N GLN A 96 -16.29 -21.89 14.97
CA GLN A 96 -15.81 -23.03 14.18
C GLN A 96 -14.38 -22.84 13.68
N GLN A 97 -13.69 -21.85 14.26
CA GLN A 97 -12.31 -21.52 13.90
C GLN A 97 -12.13 -21.11 12.44
N ARG A 98 -13.15 -20.45 11.90
CA ARG A 98 -13.10 -19.93 10.53
C ARG A 98 -12.82 -18.44 10.65
N LEU A 99 -12.05 -17.89 9.72
CA LEU A 99 -11.75 -16.46 9.76
C LEU A 99 -12.89 -15.67 9.15
N VAL A 100 -13.30 -14.60 9.82
CA VAL A 100 -14.34 -13.71 9.31
C VAL A 100 -13.64 -12.37 9.10
N HIS A 101 -14.07 -11.62 8.09
CA HIS A 101 -13.42 -10.35 7.73
C HIS A 101 -14.34 -9.17 7.44
N CYS A 102 -13.78 -7.98 7.64
CA CYS A 102 -14.45 -6.72 7.32
C CYS A 102 -13.70 -6.27 6.07
N GLU A 103 -14.42 -6.04 4.97
CA GLU A 103 -13.77 -5.61 3.74
C GLU A 103 -14.26 -4.25 3.27
N HIS A 104 -13.35 -3.28 3.23
CA HIS A 104 -13.69 -1.93 2.79
C HIS A 104 -14.10 -1.94 1.33
N GLY A 105 -13.38 -2.70 0.52
CA GLY A 105 -13.65 -2.77 -0.90
C GLY A 105 -15.00 -3.35 -1.27
N ARG A 106 -15.26 -4.57 -0.83
CA ARG A 106 -16.54 -5.20 -1.14
C ARG A 106 -17.65 -4.65 -0.24
N ARG A 107 -17.26 -3.81 0.71
CA ARG A 107 -18.19 -3.17 1.65
C ARG A 107 -19.08 -4.24 2.27
N ALA A 108 -18.44 -5.22 2.91
CA ALA A 108 -19.19 -6.32 3.49
C ALA A 108 -18.40 -7.13 4.50
N ILE A 109 -19.09 -8.12 5.06
CA ILE A 109 -18.51 -9.06 6.01
C ILE A 109 -18.35 -10.35 5.21
N THR A 110 -17.15 -10.91 5.21
CA THR A 110 -16.90 -12.16 4.47
C THR A 110 -16.29 -13.20 5.41
N ARG A 111 -16.23 -14.45 4.95
CA ARG A 111 -15.68 -15.53 5.77
C ARG A 111 -14.82 -16.45 4.89
N SER A 112 -13.60 -16.72 5.33
CA SER A 112 -12.68 -17.56 4.56
C SER A 112 -12.82 -19.06 4.85
N ASP A 113 -12.57 -19.86 3.82
CA ASP A 113 -12.63 -21.31 3.95
C ASP A 113 -11.19 -21.84 4.02
N ALA A 114 -11.02 -23.15 4.04
CA ALA A 114 -9.69 -23.74 4.11
C ALA A 114 -9.01 -23.52 2.76
N ASP A 115 -9.82 -23.15 1.77
CA ASP A 115 -9.35 -22.88 0.42
C ASP A 115 -8.64 -21.53 0.32
N GLY A 116 -8.70 -20.75 1.39
CA GLY A 116 -8.06 -19.44 1.38
C GLY A 116 -8.86 -18.43 0.58
N GLN A 117 -10.16 -18.69 0.45
CA GLN A 117 -11.07 -17.83 -0.30
C GLN A 117 -12.10 -17.22 0.64
N ALA A 118 -12.29 -15.91 0.56
CA ALA A 118 -13.25 -15.23 1.41
C ALA A 118 -14.60 -15.09 0.72
N HIS A 119 -15.61 -15.75 1.26
CA HIS A 119 -16.95 -15.72 0.69
C HIS A 119 -17.86 -14.71 1.40
N LEU A 120 -18.74 -14.07 0.63
CA LEU A 120 -19.66 -13.07 1.16
C LEU A 120 -20.68 -13.58 2.17
N LEU A 121 -20.78 -12.90 3.31
CA LEU A 121 -21.75 -13.25 4.33
C LEU A 121 -22.91 -12.25 4.23
N VAL A 122 -22.56 -10.96 4.21
CA VAL A 122 -23.57 -9.91 4.11
C VAL A 122 -22.92 -8.62 3.63
N GLY A 123 -23.55 -7.95 2.66
CA GLY A 123 -23.00 -6.72 2.13
C GLY A 123 -24.00 -5.61 1.99
N ARG A 124 -25.20 -5.81 2.52
CA ARG A 124 -26.25 -4.80 2.42
C ARG A 124 -27.13 -4.73 3.65
N TYR A 125 -27.81 -3.60 3.78
CA TYR A 125 -28.76 -3.39 4.87
C TYR A 125 -29.97 -2.77 4.20
N ALA A 126 -31.13 -3.39 4.37
CA ALA A 126 -32.34 -2.87 3.76
C ALA A 126 -32.11 -2.66 2.27
N GLY A 127 -31.41 -3.59 1.64
CA GLY A 127 -31.13 -3.52 0.22
C GLY A 127 -30.06 -2.55 -0.24
N LYS A 128 -29.53 -1.74 0.68
CA LYS A 128 -28.50 -0.77 0.33
C LYS A 128 -27.12 -1.26 0.80
N ARG A 129 -26.09 -0.98 0.01
CA ARG A 129 -24.74 -1.40 0.41
C ARG A 129 -24.30 -0.77 1.72
N LEU A 130 -23.55 -1.54 2.51
CA LEU A 130 -23.03 -1.06 3.78
C LEU A 130 -21.98 0.00 3.42
N ASN A 131 -21.58 0.83 4.38
CA ASN A 131 -20.60 1.88 4.12
C ASN A 131 -19.20 1.28 3.85
N SER A 132 -18.66 0.61 4.85
CA SER A 132 -17.34 -0.02 4.77
C SER A 132 -17.00 -0.59 6.14
N PRO A 133 -17.43 -1.85 6.40
CA PRO A 133 -17.19 -2.54 7.67
C PRO A 133 -15.74 -2.36 8.07
N ASN A 134 -15.55 -1.91 9.30
CA ASN A 134 -14.23 -1.60 9.82
C ASN A 134 -13.63 -2.66 10.75
N ASP A 135 -14.34 -2.98 11.83
CA ASP A 135 -13.85 -3.99 12.78
C ASP A 135 -15.01 -4.90 13.16
N LEU A 136 -14.69 -6.11 13.63
CA LEU A 136 -15.74 -7.06 14.00
C LEU A 136 -15.31 -7.99 15.11
N ILE A 137 -16.30 -8.61 15.76
CA ILE A 137 -16.07 -9.56 16.83
C ILE A 137 -17.15 -10.63 16.72
N VAL A 138 -16.93 -11.76 17.37
CA VAL A 138 -17.89 -12.85 17.36
C VAL A 138 -18.33 -13.11 18.79
N ALA A 139 -19.64 -13.02 19.03
CA ALA A 139 -20.17 -13.26 20.37
C ALA A 139 -20.22 -14.75 20.69
N ARG A 140 -20.42 -15.06 21.96
CA ARG A 140 -20.47 -16.46 22.38
C ARG A 140 -21.57 -17.26 21.67
N ASP A 141 -22.61 -16.58 21.21
CA ASP A 141 -23.70 -17.28 20.54
C ASP A 141 -23.48 -17.39 19.03
N GLY A 142 -22.29 -17.02 18.58
CA GLY A 142 -21.98 -17.12 17.16
C GLY A 142 -22.32 -15.93 16.29
N ALA A 143 -23.00 -14.94 16.86
CA ALA A 143 -23.38 -13.75 16.11
C ALA A 143 -22.14 -12.90 15.84
N ILE A 144 -22.07 -12.31 14.65
CA ILE A 144 -20.94 -11.46 14.30
C ILE A 144 -21.38 -10.01 14.47
N TRP A 145 -20.67 -9.25 15.30
CA TRP A 145 -20.98 -7.84 15.53
C TRP A 145 -19.91 -7.01 14.84
N PHE A 146 -20.31 -5.93 14.19
CA PHE A 146 -19.32 -5.10 13.51
C PHE A 146 -19.71 -3.64 13.41
N THR A 147 -18.71 -2.79 13.15
CA THR A 147 -18.91 -1.35 13.02
C THR A 147 -18.89 -0.98 11.54
N ASP A 148 -19.69 0.02 11.17
CA ASP A 148 -19.77 0.42 9.78
C ASP A 148 -19.54 1.91 9.49
N PRO A 149 -18.34 2.41 9.79
CA PRO A 149 -18.05 3.83 9.52
C PRO A 149 -17.79 3.96 8.02
N PRO A 150 -17.73 5.18 7.48
CA PRO A 150 -17.49 5.38 6.06
C PRO A 150 -16.02 5.58 5.64
N PHE A 151 -15.08 5.20 6.50
CA PHE A 151 -13.66 5.39 6.18
C PHE A 151 -13.28 4.80 4.82
N GLY A 152 -13.80 3.62 4.50
CA GLY A 152 -13.48 2.97 3.24
C GLY A 152 -14.06 3.65 2.01
N LEU A 153 -14.90 4.66 2.21
CA LEU A 153 -15.52 5.38 1.10
C LEU A 153 -14.93 6.75 0.84
N ARG A 154 -13.94 7.15 1.64
CA ARG A 154 -13.38 8.48 1.49
C ARG A 154 -11.85 8.53 1.50
N LYS A 155 -11.22 7.45 1.07
CA LYS A 155 -9.77 7.37 1.01
C LYS A 155 -9.39 6.30 -0.01
N PRO A 156 -8.90 6.72 -1.18
CA PRO A 156 -8.50 5.84 -2.28
C PRO A 156 -7.54 4.72 -1.88
N SER A 157 -6.62 5.02 -0.97
CA SER A 157 -5.66 4.02 -0.54
C SER A 157 -6.30 2.93 0.32
N GLN A 158 -7.55 3.12 0.72
CA GLN A 158 -8.21 2.13 1.57
C GLN A 158 -9.56 1.64 1.05
N GLY A 159 -9.80 1.79 -0.25
CA GLY A 159 -11.05 1.32 -0.82
C GLY A 159 -11.39 2.07 -2.09
N CYS A 160 -12.67 2.10 -2.45
CA CYS A 160 -13.07 2.84 -3.64
C CYS A 160 -14.02 3.94 -3.20
N PRO A 161 -13.66 5.19 -3.47
CA PRO A 161 -14.48 6.34 -3.10
C PRO A 161 -15.90 6.20 -3.61
N ALA A 162 -16.86 6.72 -2.83
CA ALA A 162 -18.26 6.68 -3.20
C ALA A 162 -19.10 7.36 -2.14
N ASP A 163 -20.29 7.81 -2.55
CA ASP A 163 -21.21 8.43 -1.61
C ASP A 163 -21.93 7.28 -0.94
N PRO A 164 -22.03 7.29 0.39
CA PRO A 164 -22.71 6.22 1.11
C PRO A 164 -24.17 6.10 0.72
N GLU A 165 -24.71 4.88 0.80
CA GLU A 165 -26.11 4.63 0.47
C GLU A 165 -26.93 4.66 1.75
N LEU A 166 -26.27 4.50 2.89
CA LEU A 166 -26.93 4.51 4.19
C LEU A 166 -26.71 5.87 4.83
N ALA A 167 -27.71 6.35 5.57
CA ALA A 167 -27.63 7.64 6.24
C ALA A 167 -27.27 7.47 7.71
N HIS A 168 -26.50 6.44 8.01
CA HIS A 168 -26.10 6.16 9.38
C HIS A 168 -24.87 5.27 9.41
N HIS A 169 -24.07 5.44 10.47
CA HIS A 169 -22.86 4.63 10.68
C HIS A 169 -23.29 3.78 11.86
N SER A 170 -23.59 2.50 11.63
CA SER A 170 -24.09 1.68 12.71
C SER A 170 -23.23 0.52 13.18
N VAL A 171 -23.62 -0.02 14.33
CA VAL A 171 -23.00 -1.20 14.91
C VAL A 171 -24.08 -2.21 14.57
N TYR A 172 -23.71 -3.29 13.90
CA TYR A 172 -24.68 -4.31 13.54
C TYR A 172 -24.42 -5.67 14.18
N ARG A 173 -25.45 -6.49 14.22
CA ARG A 173 -25.36 -7.84 14.74
C ARG A 173 -25.87 -8.80 13.67
N LEU A 174 -25.02 -9.75 13.28
CA LEU A 174 -25.41 -10.73 12.27
C LEU A 174 -25.64 -12.05 12.99
N PRO A 175 -26.92 -12.47 13.08
CA PRO A 175 -27.29 -13.72 13.74
C PRO A 175 -26.67 -14.95 13.08
N PRO A 176 -26.36 -15.98 13.88
CA PRO A 176 -25.76 -17.22 13.38
C PRO A 176 -26.82 -18.10 12.70
N ASP A 177 -27.99 -18.20 13.33
CA ASP A 177 -29.10 -18.98 12.79
C ASP A 177 -29.46 -18.31 11.47
N GLY A 178 -30.72 -17.92 11.34
CA GLY A 178 -31.12 -17.22 10.14
C GLY A 178 -30.94 -15.76 10.50
N SER A 179 -30.39 -14.97 9.59
CA SER A 179 -30.17 -13.55 9.86
C SER A 179 -31.56 -12.88 10.05
N PRO A 180 -31.80 -11.68 9.52
CA PRO A 180 -31.01 -10.73 8.72
C PRO A 180 -30.21 -9.80 9.61
N LEU A 181 -29.50 -8.87 8.99
CA LEU A 181 -28.69 -7.89 9.72
C LEU A 181 -29.58 -7.11 10.67
N GLN A 182 -29.03 -6.80 11.85
CA GLN A 182 -29.76 -6.03 12.84
C GLN A 182 -29.02 -4.74 13.12
N ARG A 183 -29.69 -3.62 12.88
CA ARG A 183 -29.13 -2.29 13.13
C ARG A 183 -29.31 -2.10 14.63
N MET A 184 -28.20 -2.17 15.37
CA MET A 184 -28.25 -2.07 16.82
C MET A 184 -28.06 -0.68 17.42
N ALA A 185 -27.36 0.20 16.70
CA ALA A 185 -27.13 1.56 17.20
C ALA A 185 -26.45 2.38 16.14
N ASP A 186 -26.69 3.69 16.16
CA ASP A 186 -26.05 4.58 15.20
C ASP A 186 -25.06 5.42 15.98
N LEU A 187 -23.87 5.60 15.43
CA LEU A 187 -22.83 6.38 16.08
C LEU A 187 -22.13 7.29 15.07
N ASP A 188 -21.08 7.98 15.51
CA ASP A 188 -20.33 8.86 14.64
C ASP A 188 -18.99 8.18 14.37
N HIS A 189 -18.87 7.56 13.21
CA HIS A 189 -17.65 6.86 12.84
C HIS A 189 -17.28 5.77 13.85
N PRO A 190 -18.21 4.82 14.10
CA PRO A 190 -17.96 3.75 15.05
C PRO A 190 -16.74 3.03 14.51
N ASN A 191 -15.83 2.61 15.40
CA ASN A 191 -14.61 1.99 14.94
C ASN A 191 -14.34 0.63 15.57
N GLY A 192 -13.69 0.62 16.73
CA GLY A 192 -13.42 -0.65 17.38
C GLY A 192 -14.60 -1.07 18.24
N LEU A 193 -14.59 -2.33 18.66
CA LEU A 193 -15.66 -2.82 19.52
C LEU A 193 -15.19 -4.09 20.23
N ALA A 194 -15.81 -4.37 21.37
CA ALA A 194 -15.48 -5.54 22.17
C ALA A 194 -16.49 -5.70 23.30
N PHE A 195 -16.75 -6.94 23.69
CA PHE A 195 -17.67 -7.23 24.78
C PHE A 195 -16.92 -7.40 26.09
N SER A 196 -17.62 -7.17 27.20
CA SER A 196 -17.03 -7.37 28.52
C SER A 196 -17.06 -8.89 28.66
N PRO A 197 -16.32 -9.44 29.63
CA PRO A 197 -16.38 -10.91 29.75
C PRO A 197 -17.78 -11.50 29.90
N ASP A 198 -18.64 -10.85 30.68
CA ASP A 198 -20.00 -11.38 30.86
C ASP A 198 -20.94 -10.99 29.73
N GLU A 199 -20.40 -10.26 28.75
CA GLU A 199 -21.18 -9.80 27.60
C GLU A 199 -22.37 -8.91 27.96
N GLN A 200 -22.38 -8.33 29.16
CA GLN A 200 -23.47 -7.46 29.57
C GLN A 200 -23.22 -6.02 29.08
N THR A 201 -21.97 -5.74 28.72
CA THR A 201 -21.60 -4.42 28.24
C THR A 201 -20.87 -4.54 26.91
N LEU A 202 -21.23 -3.68 25.97
CA LEU A 202 -20.57 -3.67 24.66
C LEU A 202 -19.86 -2.33 24.57
N TYR A 203 -18.56 -2.37 24.30
CA TYR A 203 -17.77 -1.15 24.16
C TYR A 203 -17.57 -0.89 22.67
N VAL A 204 -17.72 0.36 22.25
CA VAL A 204 -17.57 0.73 20.85
C VAL A 204 -16.90 2.10 20.81
N SER A 205 -15.82 2.23 20.05
CA SER A 205 -15.17 3.54 19.99
C SER A 205 -15.74 4.33 18.82
N GLN A 206 -15.68 5.64 18.92
CA GLN A 206 -16.17 6.53 17.87
C GLN A 206 -14.97 7.44 17.57
N THR A 207 -14.53 7.44 16.32
CA THR A 207 -13.35 8.23 15.96
C THR A 207 -13.54 9.16 14.77
N PRO A 208 -14.43 10.15 14.90
CA PRO A 208 -14.68 11.10 13.83
C PRO A 208 -13.52 12.05 13.58
N GLU A 209 -13.65 12.84 12.51
CA GLU A 209 -12.68 13.84 12.09
C GLU A 209 -11.89 14.44 13.25
N GLY A 213 -19.64 13.44 17.72
CA GLY A 213 -18.50 14.27 17.37
C GLY A 213 -17.33 14.02 18.31
N SER A 214 -17.61 13.38 19.43
CA SER A 214 -16.61 13.09 20.43
C SER A 214 -15.76 11.89 20.04
N VAL A 215 -14.45 11.97 20.28
CA VAL A 215 -13.56 10.85 20.00
C VAL A 215 -13.51 10.16 21.36
N GLU A 216 -14.04 8.94 21.43
CA GLU A 216 -14.09 8.25 22.70
C GLU A 216 -14.41 6.76 22.55
N ILE A 217 -14.40 6.09 23.69
CA ILE A 217 -14.79 4.69 23.75
C ILE A 217 -16.12 4.81 24.48
N THR A 218 -17.17 4.29 23.84
CA THR A 218 -18.51 4.36 24.40
C THR A 218 -18.94 2.98 24.90
N ALA A 219 -19.77 2.96 25.94
CA ALA A 219 -20.24 1.71 26.49
C ALA A 219 -21.76 1.62 26.36
N PHE A 220 -22.25 0.42 26.04
CA PHE A 220 -23.68 0.17 25.90
C PHE A 220 -24.06 -1.02 26.75
N ALA A 221 -25.33 -1.07 27.15
CA ALA A 221 -25.82 -2.18 27.93
C ALA A 221 -26.45 -3.14 26.92
N TRP A 222 -25.99 -4.39 26.92
CA TRP A 222 -26.53 -5.39 26.02
C TRP A 222 -27.46 -6.26 26.84
N ARG A 223 -28.75 -5.93 26.81
CA ARG A 223 -29.74 -6.70 27.55
C ARG A 223 -31.01 -6.79 26.71
N ASP A 224 -31.70 -7.91 26.82
CA ASP A 224 -32.89 -8.15 26.02
C ASP A 224 -32.38 -8.30 24.59
N GLY A 225 -33.06 -7.68 23.64
CA GLY A 225 -32.61 -7.80 22.26
C GLY A 225 -32.06 -6.50 21.73
N ALA A 226 -31.52 -5.67 22.60
CA ALA A 226 -30.98 -4.39 22.14
C ALA A 226 -29.92 -3.80 23.04
N LEU A 227 -29.32 -2.72 22.55
CA LEU A 227 -28.29 -1.99 23.27
C LEU A 227 -29.00 -0.86 24.00
N HIS A 228 -28.70 -0.69 25.27
CA HIS A 228 -29.33 0.35 26.08
C HIS A 228 -28.29 1.17 26.82
N ASP A 229 -28.78 2.19 27.52
CA ASP A 229 -27.96 3.07 28.34
C ASP A 229 -26.59 3.47 27.79
N ARG A 230 -26.60 4.18 26.68
CA ARG A 230 -25.39 4.66 26.03
C ARG A 230 -24.67 5.62 26.98
N ARG A 231 -23.35 5.47 27.10
CA ARG A 231 -22.57 6.32 28.00
C ARG A 231 -21.10 6.35 27.61
N HIS A 232 -20.44 7.44 27.98
CA HIS A 232 -19.01 7.61 27.71
C HIS A 232 -18.27 6.69 28.67
N PHE A 233 -17.33 5.91 28.16
CA PHE A 233 -16.56 5.01 29.00
C PHE A 233 -15.16 5.55 29.27
N ALA A 234 -14.47 5.98 28.22
CA ALA A 234 -13.13 6.51 28.41
C ALA A 234 -12.61 7.24 27.18
N SER A 235 -11.60 8.08 27.42
CA SER A 235 -10.94 8.83 26.37
C SER A 235 -9.48 8.46 26.52
N VAL A 236 -8.77 8.24 25.41
CA VAL A 236 -7.36 7.94 25.52
C VAL A 236 -6.63 9.27 25.52
N PRO A 237 -5.51 9.36 26.27
CA PRO A 237 -4.75 10.60 26.34
C PRO A 237 -4.37 11.20 24.99
N ASP A 238 -3.93 10.37 24.05
CA ASP A 238 -3.52 10.87 22.76
C ASP A 238 -3.98 10.04 21.57
N GLY A 239 -4.30 10.72 20.47
CA GLY A 239 -4.72 10.03 19.27
C GLY A 239 -6.11 9.45 19.33
N LEU A 240 -6.33 8.43 18.52
CA LEU A 240 -7.64 7.79 18.43
C LEU A 240 -7.72 6.40 19.03
N PRO A 241 -8.80 6.13 19.79
CA PRO A 241 -8.94 4.79 20.37
C PRO A 241 -9.56 4.00 19.21
N ASP A 242 -8.70 3.52 18.33
CA ASP A 242 -9.08 2.79 17.12
C ASP A 242 -9.66 1.42 17.46
N GLY A 243 -8.79 0.43 17.56
CA GLY A 243 -9.23 -0.92 17.91
C GLY A 243 -8.80 -1.22 19.34
N PHE A 244 -9.48 -2.17 19.98
CA PHE A 244 -9.15 -2.52 21.35
C PHE A 244 -9.70 -3.90 21.69
N CYS A 245 -9.29 -4.43 22.84
CA CYS A 245 -9.78 -5.73 23.27
C CYS A 245 -10.02 -5.71 24.78
N VAL A 246 -10.72 -6.72 25.26
CA VAL A 246 -11.02 -6.84 26.69
C VAL A 246 -10.56 -8.21 27.17
N ASP A 247 -9.87 -8.25 28.30
CA ASP A 247 -9.38 -9.51 28.82
C ASP A 247 -10.37 -10.18 29.78
N ARG A 248 -10.06 -11.41 30.19
CA ARG A 248 -10.97 -12.15 31.08
C ARG A 248 -11.26 -11.44 32.39
N GLY A 249 -10.36 -10.56 32.81
CA GLY A 249 -10.55 -9.82 34.05
C GLY A 249 -11.41 -8.58 33.89
N GLY A 250 -11.73 -8.25 32.64
CA GLY A 250 -12.56 -7.09 32.38
C GLY A 250 -11.82 -5.82 32.01
N TRP A 251 -10.49 -5.88 31.98
CA TRP A 251 -9.70 -4.72 31.62
C TRP A 251 -9.80 -4.51 30.11
N LEU A 252 -9.84 -3.25 29.71
CA LEU A 252 -9.91 -2.91 28.29
C LEU A 252 -8.57 -2.34 27.86
N TRP A 253 -7.92 -3.02 26.92
CA TRP A 253 -6.62 -2.61 26.38
C TRP A 253 -6.92 -1.95 25.04
N SER A 254 -6.67 -0.65 24.96
CA SER A 254 -6.97 0.10 23.75
C SER A 254 -5.80 0.76 23.05
N SER A 255 -5.89 0.80 21.73
CA SER A 255 -4.86 1.44 20.93
C SER A 255 -5.01 2.95 21.13
N SER A 256 -3.98 3.69 20.77
CA SER A 256 -3.96 5.14 20.84
C SER A 256 -2.79 5.64 19.99
N GLY A 257 -2.64 6.95 19.89
CA GLY A 257 -1.58 7.49 19.08
C GLY A 257 -0.17 7.21 19.59
N THR A 258 -0.05 6.92 20.88
CA THR A 258 1.25 6.69 21.49
C THR A 258 1.50 5.27 21.98
N GLY A 259 0.51 4.41 21.88
CA GLY A 259 0.66 3.04 22.35
C GLY A 259 -0.65 2.49 22.85
N VAL A 260 -0.59 1.50 23.73
CA VAL A 260 -1.82 0.90 24.27
C VAL A 260 -2.13 1.38 25.69
N CYS A 261 -3.38 1.77 25.90
CA CYS A 261 -3.84 2.24 27.21
C CYS A 261 -4.67 1.12 27.83
N VAL A 262 -4.50 0.92 29.14
CA VAL A 262 -5.24 -0.12 29.83
C VAL A 262 -6.17 0.52 30.87
N PHE A 263 -7.45 0.19 30.78
CA PHE A 263 -8.46 0.70 31.71
C PHE A 263 -9.12 -0.46 32.43
N ASP A 264 -9.57 -0.23 33.66
CA ASP A 264 -10.26 -1.28 34.39
C ASP A 264 -11.72 -1.15 33.98
N SER A 265 -12.58 -2.05 34.45
CA SER A 265 -13.99 -2.01 34.05
C SER A 265 -14.73 -0.74 34.48
N ASP A 266 -14.16 0.02 35.41
CA ASP A 266 -14.83 1.24 35.85
C ASP A 266 -14.35 2.44 35.03
N GLY A 267 -13.51 2.18 34.03
CA GLY A 267 -13.02 3.26 33.19
C GLY A 267 -11.77 3.95 33.69
N GLN A 268 -11.18 3.42 34.76
CA GLN A 268 -9.97 4.02 35.33
C GLN A 268 -8.72 3.58 34.58
N LEU A 269 -7.93 4.57 34.16
CA LEU A 269 -6.69 4.30 33.43
C LEU A 269 -5.71 3.64 34.40
N LEU A 270 -5.19 2.48 34.00
CA LEU A 270 -4.27 1.71 34.83
C LEU A 270 -2.81 1.86 34.42
N GLY A 271 -2.57 2.19 33.16
CA GLY A 271 -1.21 2.35 32.69
C GLY A 271 -1.14 2.49 31.19
N HIS A 272 0.07 2.70 30.67
CA HIS A 272 0.28 2.88 29.25
C HIS A 272 1.46 2.05 28.74
N ILE A 273 1.29 1.44 27.56
CA ILE A 273 2.35 0.65 26.95
C ILE A 273 2.79 1.37 25.68
N PRO A 274 3.90 2.11 25.76
CA PRO A 274 4.40 2.84 24.59
C PRO A 274 4.71 1.93 23.41
N THR A 275 4.47 2.45 22.21
CA THR A 275 4.76 1.73 20.97
C THR A 275 5.51 2.73 20.09
N PRO A 276 6.47 2.26 19.27
CA PRO A 276 7.24 3.15 18.39
C PRO A 276 6.49 4.04 17.40
N GLY A 277 5.27 3.67 17.07
CA GLY A 277 4.48 4.48 16.15
C GLY A 277 3.03 4.39 16.58
N THR A 278 2.13 5.08 15.87
CA THR A 278 0.72 5.03 16.24
C THR A 278 0.26 3.58 16.24
N ALA A 279 -0.59 3.21 17.18
CA ALA A 279 -1.10 1.84 17.25
C ALA A 279 -2.55 1.87 16.74
N SER A 280 -2.88 0.89 15.90
CA SER A 280 -4.23 0.83 15.31
C SER A 280 -5.17 -0.18 15.96
N ASN A 281 -4.62 -1.21 16.58
CA ASN A 281 -5.47 -2.25 17.16
C ASN A 281 -4.62 -3.17 18.03
N CYS A 282 -5.28 -4.06 18.76
CA CYS A 282 -4.56 -5.02 19.59
C CYS A 282 -5.47 -6.17 19.97
N THR A 283 -4.87 -7.28 20.37
CA THR A 283 -5.62 -8.47 20.76
C THR A 283 -4.68 -9.39 21.53
N PHE A 284 -5.25 -10.35 22.25
CA PHE A 284 -4.45 -11.30 22.99
C PHE A 284 -4.51 -12.65 22.32
N ASP A 285 -3.60 -13.54 22.70
CA ASP A 285 -3.62 -14.89 22.16
C ASP A 285 -4.64 -15.61 23.05
N GLN A 286 -4.88 -16.88 22.76
CA GLN A 286 -5.82 -17.70 23.50
C GLN A 286 -5.64 -17.61 25.02
N ALA A 287 -4.43 -17.85 25.49
CA ALA A 287 -4.13 -17.83 26.92
C ALA A 287 -4.05 -16.43 27.53
N GLN A 288 -4.06 -15.42 26.68
CA GLN A 288 -3.95 -14.03 27.11
C GLN A 288 -2.61 -13.85 27.83
N GLN A 289 -1.58 -14.47 27.27
CA GLN A 289 -0.22 -14.37 27.81
C GLN A 289 0.66 -13.56 26.87
N ARG A 290 0.10 -13.19 25.71
CA ARG A 290 0.83 -12.40 24.74
C ARG A 290 -0.12 -11.36 24.15
N LEU A 291 0.29 -10.10 24.19
CA LEU A 291 -0.51 -9.03 23.63
C LEU A 291 0.07 -8.63 22.29
N PHE A 292 -0.74 -8.73 21.24
CA PHE A 292 -0.32 -8.37 19.90
C PHE A 292 -0.87 -6.98 19.58
N ILE A 293 -0.03 -6.12 18.99
CA ILE A 293 -0.42 -4.76 18.65
C ILE A 293 -0.05 -4.42 17.22
N THR A 294 -0.99 -3.84 16.47
CA THR A 294 -0.74 -3.46 15.08
C THR A 294 -0.58 -1.94 14.99
N GLY A 295 0.20 -1.49 14.02
CA GLY A 295 0.40 -0.06 13.84
C GLY A 295 1.29 0.21 12.65
N GLY A 296 0.76 0.88 11.64
CA GLY A 296 1.55 1.17 10.46
C GLY A 296 2.20 -0.06 9.85
N PRO A 297 3.50 0.01 9.54
CA PRO A 297 4.18 -1.13 8.94
C PRO A 297 4.39 -2.31 9.89
N CYS A 298 4.03 -2.13 11.16
CA CYS A 298 4.31 -3.15 12.16
C CYS A 298 3.26 -3.99 12.86
N LEU A 299 3.75 -5.11 13.37
CA LEU A 299 2.98 -6.03 14.20
C LEU A 299 3.94 -6.17 15.39
N TRP A 300 3.53 -5.68 16.55
CA TRP A 300 4.37 -5.77 17.75
C TRP A 300 3.77 -6.79 18.70
N MET A 301 4.56 -7.23 19.68
CA MET A 301 4.05 -8.19 20.65
C MET A 301 4.68 -7.98 22.01
N LEU A 302 3.86 -8.12 23.05
CA LEU A 302 4.31 -7.96 24.43
C LEU A 302 4.07 -9.28 25.16
N PRO A 303 5.15 -10.01 25.45
CA PRO A 303 5.04 -11.30 26.14
C PRO A 303 4.96 -11.13 27.65
N LEU A 304 3.84 -11.53 28.23
CA LEU A 304 3.64 -11.40 29.66
C LEU A 304 4.23 -12.58 30.42
N PRO A 305 4.61 -12.36 31.68
CA PRO A 305 5.18 -13.45 32.47
C PRO A 305 4.07 -14.38 32.96
N CYS B 5 -13.65 1.82 -10.99
CA CYS B 5 -13.61 2.67 -9.76
C CYS B 5 -12.90 4.00 -10.00
N ARG B 6 -13.62 5.11 -9.76
CA ARG B 6 -13.06 6.46 -9.91
C ARG B 6 -12.46 6.88 -8.57
N VAL B 7 -11.15 7.17 -8.56
CA VAL B 7 -10.50 7.56 -7.31
C VAL B 7 -10.31 9.08 -7.11
N ARG B 8 -10.54 9.85 -8.17
CA ARG B 8 -10.47 11.32 -8.08
C ARG B 8 -11.52 11.89 -9.02
N PRO B 9 -12.40 12.77 -8.52
CA PRO B 9 -13.42 13.36 -9.39
C PRO B 9 -12.77 14.33 -10.36
N ALA B 10 -13.47 14.64 -11.45
CA ALA B 10 -12.95 15.60 -12.42
C ALA B 10 -12.78 16.91 -11.67
N GLY B 11 -11.81 17.72 -12.09
CA GLY B 11 -11.58 18.98 -11.41
C GLY B 11 -10.21 19.54 -11.72
N PRO B 12 -10.01 20.86 -11.55
CA PRO B 12 -8.71 21.48 -11.83
C PRO B 12 -7.60 21.03 -10.89
N ALA B 13 -6.36 21.11 -11.38
CA ALA B 13 -5.21 20.74 -10.60
C ALA B 13 -4.90 21.86 -9.61
N VAL B 14 -4.17 21.52 -8.55
CA VAL B 14 -3.79 22.48 -7.54
C VAL B 14 -2.29 22.64 -7.54
N PRO B 15 -1.78 23.88 -7.43
CA PRO B 15 -0.34 24.09 -7.42
C PRO B 15 0.36 23.22 -6.37
N ALA B 16 1.53 22.71 -6.71
CA ALA B 16 2.29 21.87 -5.78
C ALA B 16 3.05 22.77 -4.81
N ASP B 17 3.21 22.30 -3.58
CA ASP B 17 3.92 23.09 -2.58
C ASP B 17 5.41 22.82 -2.64
N CYS B 18 6.11 23.58 -3.49
CA CYS B 18 7.54 23.45 -3.67
C CYS B 18 8.10 24.73 -4.31
N ASP B 19 9.42 24.87 -4.28
CA ASP B 19 10.07 26.05 -4.87
C ASP B 19 10.05 25.97 -6.41
N PRO B 20 9.97 27.13 -7.08
CA PRO B 20 9.96 27.17 -8.55
C PRO B 20 11.28 26.64 -9.11
N PRO B 21 11.28 26.22 -10.38
CA PRO B 21 12.47 25.69 -11.04
C PRO B 21 13.73 26.54 -10.91
N ARG B 22 14.87 25.85 -10.79
CA ARG B 22 16.19 26.48 -10.67
C ARG B 22 16.86 26.33 -12.03
N ILE B 23 16.77 27.34 -12.89
CA ILE B 23 17.34 27.23 -14.23
C ILE B 23 18.64 27.97 -14.53
N THR B 24 19.61 27.21 -15.02
CA THR B 24 20.93 27.73 -15.37
C THR B 24 20.98 28.06 -16.86
N HIS B 25 20.86 27.03 -17.68
CA HIS B 25 20.92 27.18 -19.14
C HIS B 25 19.77 28.02 -19.70
N ALA B 26 20.11 28.93 -20.61
CA ALA B 26 19.12 29.81 -21.22
C ALA B 26 18.11 29.02 -22.05
N ALA B 27 18.56 27.94 -22.68
CA ALA B 27 17.68 27.10 -23.49
C ALA B 27 16.59 26.44 -22.66
N LEU B 28 16.94 25.99 -21.45
CA LEU B 28 15.94 25.37 -20.58
C LEU B 28 15.01 26.45 -20.01
N ALA B 29 15.57 27.63 -19.75
CA ALA B 29 14.78 28.73 -19.21
C ALA B 29 13.65 29.05 -20.18
N ALA B 30 13.97 29.06 -21.47
CA ALA B 30 12.98 29.34 -22.50
C ALA B 30 11.93 28.23 -22.58
N ARG B 31 12.36 26.98 -22.39
CA ARG B 31 11.46 25.84 -22.45
C ARG B 31 10.42 25.83 -21.32
N LEU B 32 10.86 26.19 -20.12
CA LEU B 32 9.97 26.19 -18.95
C LEU B 32 9.23 27.50 -18.69
N GLY B 33 9.79 28.62 -19.14
CA GLY B 33 9.15 29.89 -18.91
C GLY B 33 8.88 30.05 -17.41
N ASP B 34 7.67 30.46 -17.05
CA ASP B 34 7.34 30.63 -15.65
C ASP B 34 6.41 29.52 -15.17
N ALA B 35 6.55 28.35 -15.79
CA ALA B 35 5.75 27.18 -15.46
C ALA B 35 5.88 26.84 -13.98
N ARG B 36 4.78 26.39 -13.38
CA ARG B 36 4.76 26.01 -11.97
C ARG B 36 4.17 24.62 -11.82
N LEU B 37 4.83 23.79 -11.01
CA LEU B 37 4.40 22.41 -10.78
C LEU B 37 3.00 22.32 -10.19
N LEU B 38 2.24 21.34 -10.66
CA LEU B 38 0.87 21.11 -10.20
C LEU B 38 0.74 19.70 -9.64
N THR B 39 -0.24 19.52 -8.75
CA THR B 39 -0.50 18.21 -8.18
C THR B 39 -1.76 17.67 -8.83
N LEU B 40 -1.65 16.51 -9.48
CA LEU B 40 -2.80 15.91 -10.16
C LEU B 40 -3.47 14.83 -9.31
N TYR B 41 -2.72 14.23 -8.40
CA TYR B 41 -3.23 13.18 -7.54
C TYR B 41 -2.30 13.08 -6.35
N ASP B 42 -2.83 12.78 -5.17
CA ASP B 42 -1.97 12.66 -3.99
C ASP B 42 -2.48 11.61 -2.99
N GLN B 43 -3.24 10.64 -3.50
CA GLN B 43 -3.82 9.60 -2.67
C GLN B 43 -3.25 8.19 -2.86
N ALA B 44 -2.14 8.09 -3.58
CA ALA B 44 -1.50 6.79 -3.80
C ALA B 44 -0.52 6.57 -2.65
N THR B 45 0.24 5.48 -2.71
CA THR B 45 1.23 5.21 -1.68
C THR B 45 2.63 5.28 -2.31
N TRP B 46 2.81 4.59 -3.43
CA TRP B 46 4.11 4.57 -4.11
C TRP B 46 3.94 4.69 -5.62
N SER B 47 3.84 5.92 -6.12
CA SER B 47 3.63 6.17 -7.54
C SER B 47 4.85 5.84 -8.39
N GLU B 48 4.61 5.17 -9.50
CA GLU B 48 5.68 4.73 -10.41
C GLU B 48 5.24 4.65 -11.87
N GLY B 49 6.24 4.45 -12.72
CA GLY B 49 6.06 4.27 -14.15
C GLY B 49 5.00 5.02 -14.93
N PRO B 50 5.11 6.34 -15.06
CA PRO B 50 4.13 7.13 -15.81
C PRO B 50 4.34 6.92 -17.31
N ALA B 51 3.24 6.77 -18.05
CA ALA B 51 3.34 6.58 -19.50
C ALA B 51 2.13 7.20 -20.16
N TRP B 52 2.35 8.11 -21.10
CA TRP B 52 1.25 8.76 -21.79
C TRP B 52 0.61 7.79 -22.78
N TRP B 53 -0.71 7.68 -22.71
CA TRP B 53 -1.48 6.77 -23.56
C TRP B 53 -2.30 7.61 -24.53
N GLU B 54 -1.71 7.95 -25.67
CA GLU B 54 -2.33 8.77 -26.71
C GLU B 54 -3.72 8.32 -27.13
N ALA B 55 -3.89 7.02 -27.34
CA ALA B 55 -5.17 6.48 -27.75
C ALA B 55 -6.31 6.83 -26.81
N GLN B 56 -5.98 7.04 -25.53
CA GLN B 56 -6.97 7.38 -24.52
C GLN B 56 -6.72 8.76 -23.93
N ARG B 57 -5.73 9.47 -24.47
CA ARG B 57 -5.35 10.79 -23.97
C ARG B 57 -5.34 10.71 -22.45
N THR B 58 -4.70 9.66 -21.94
CA THR B 58 -4.62 9.41 -20.51
C THR B 58 -3.18 9.16 -20.05
N LEU B 59 -2.84 9.66 -18.86
CA LEU B 59 -1.52 9.45 -18.31
C LEU B 59 -1.66 8.24 -17.40
N VAL B 60 -1.01 7.14 -17.78
CA VAL B 60 -1.06 5.89 -17.02
C VAL B 60 0.11 5.78 -16.06
N TRP B 61 -0.14 5.33 -14.84
CA TRP B 61 0.96 5.17 -13.90
C TRP B 61 0.49 4.22 -12.81
N SER B 62 1.41 3.60 -12.10
CA SER B 62 0.93 2.70 -11.08
C SER B 62 1.26 3.09 -9.67
N ASP B 63 0.45 2.59 -8.76
CA ASP B 63 0.66 2.78 -7.33
C ASP B 63 1.15 1.38 -7.01
N LEU B 64 2.47 1.21 -7.03
CA LEU B 64 3.10 -0.06 -6.78
C LEU B 64 2.66 -0.73 -5.49
N VAL B 65 2.72 0.02 -4.40
CA VAL B 65 2.36 -0.51 -3.09
C VAL B 65 0.86 -0.75 -2.92
N GLY B 66 0.05 0.12 -3.54
CA GLY B 66 -1.40 -0.02 -3.47
C GLY B 66 -1.93 -1.01 -4.49
N ARG B 67 -1.03 -1.57 -5.29
CA ARG B 67 -1.38 -2.57 -6.28
C ARG B 67 -2.47 -2.15 -7.25
N ARG B 68 -2.27 -1.01 -7.88
CA ARG B 68 -3.19 -0.49 -8.87
C ARG B 68 -2.42 0.21 -9.98
N VAL B 69 -3.06 0.31 -11.14
CA VAL B 69 -2.52 1.03 -12.28
C VAL B 69 -3.62 2.06 -12.50
N LEU B 70 -3.28 3.34 -12.32
CA LEU B 70 -4.24 4.43 -12.44
C LEU B 70 -4.14 5.14 -13.77
N GLY B 71 -5.20 5.88 -14.11
CA GLY B 71 -5.21 6.64 -15.34
C GLY B 71 -5.76 8.03 -15.11
N TRP B 72 -4.93 9.03 -15.41
CA TRP B 72 -5.31 10.43 -15.25
C TRP B 72 -5.93 10.93 -16.55
N ARG B 73 -7.15 11.44 -16.47
CA ARG B 73 -7.85 11.98 -17.63
C ARG B 73 -7.61 13.48 -17.69
N GLU B 74 -7.68 14.06 -18.90
CA GLU B 74 -7.44 15.47 -19.06
C GLU B 74 -8.38 16.38 -18.30
N ASP B 75 -9.53 15.86 -17.87
CA ASP B 75 -10.46 16.70 -17.12
C ASP B 75 -10.15 16.62 -15.63
N GLY B 76 -9.03 15.98 -15.28
CA GLY B 76 -8.63 15.87 -13.89
C GLY B 76 -9.06 14.58 -13.20
N THR B 77 -9.96 13.84 -13.84
CA THR B 77 -10.43 12.58 -13.30
C THR B 77 -9.33 11.53 -13.26
N VAL B 78 -9.35 10.70 -12.23
CA VAL B 78 -8.38 9.61 -12.12
C VAL B 78 -9.18 8.34 -11.88
N ASP B 79 -9.03 7.39 -12.80
CA ASP B 79 -9.73 6.12 -12.72
C ASP B 79 -8.74 4.98 -12.49
N VAL B 80 -9.26 3.87 -11.97
CA VAL B 80 -8.44 2.68 -11.75
C VAL B 80 -8.52 1.87 -13.03
N LEU B 81 -7.39 1.69 -13.71
CA LEU B 81 -7.36 0.93 -14.96
C LEU B 81 -7.16 -0.55 -14.69
N LEU B 82 -6.29 -0.86 -13.74
CA LEU B 82 -6.03 -2.25 -13.37
C LEU B 82 -6.02 -2.30 -11.85
N ASP B 83 -6.81 -3.20 -11.28
CA ASP B 83 -6.92 -3.31 -9.83
C ASP B 83 -6.36 -4.61 -9.26
N ALA B 84 -5.87 -4.55 -8.02
CA ALA B 84 -5.32 -5.71 -7.35
C ALA B 84 -4.23 -6.35 -8.21
N THR B 85 -3.30 -5.52 -8.67
CA THR B 85 -2.21 -5.97 -9.53
C THR B 85 -1.17 -6.76 -8.77
N ALA B 86 -0.33 -7.44 -9.54
CA ALA B 86 0.76 -8.23 -8.98
C ALA B 86 1.95 -7.30 -8.86
N PHE B 87 1.75 -6.19 -8.16
CA PHE B 87 2.80 -5.19 -7.93
C PHE B 87 3.40 -4.64 -9.23
N THR B 88 2.55 -4.08 -10.07
CA THR B 88 2.99 -3.49 -11.31
C THR B 88 3.80 -2.24 -11.02
N ASN B 89 4.94 -2.12 -11.68
CA ASN B 89 5.84 -0.98 -11.49
C ASN B 89 5.84 -0.15 -12.78
N GLY B 90 6.83 -0.36 -13.64
CA GLY B 90 6.89 0.41 -14.87
C GLY B 90 5.76 0.14 -15.85
N ASN B 91 5.41 1.16 -16.63
CA ASN B 91 4.38 1.06 -17.66
C ASN B 91 4.93 1.68 -18.95
N ALA B 92 4.42 1.23 -20.09
CA ALA B 92 4.83 1.76 -21.37
C ALA B 92 3.71 1.48 -22.36
N VAL B 93 3.79 2.08 -23.54
CA VAL B 93 2.77 1.90 -24.56
C VAL B 93 3.44 1.44 -25.85
N ASP B 94 2.91 0.39 -26.46
CA ASP B 94 3.52 -0.11 -27.70
C ASP B 94 3.00 0.59 -28.95
N ALA B 95 3.43 0.13 -30.11
CA ALA B 95 3.03 0.71 -31.38
C ALA B 95 1.53 0.58 -31.65
N GLN B 96 0.93 -0.47 -31.08
CA GLN B 96 -0.50 -0.70 -31.26
C GLN B 96 -1.31 -0.04 -30.15
N GLN B 97 -0.69 0.92 -29.47
CA GLN B 97 -1.33 1.63 -28.37
C GLN B 97 -1.87 0.72 -27.27
N ARG B 98 -1.16 -0.38 -27.02
CA ARG B 98 -1.54 -1.31 -25.96
C ARG B 98 -0.60 -1.02 -24.80
N LEU B 99 -1.07 -1.26 -23.57
CA LEU B 99 -0.24 -1.02 -22.41
C LEU B 99 0.61 -2.24 -22.05
N VAL B 100 1.90 -2.02 -21.81
CA VAL B 100 2.79 -3.10 -21.41
C VAL B 100 3.25 -2.77 -19.99
N HIS B 101 3.51 -3.80 -19.19
CA HIS B 101 3.87 -3.57 -17.79
C HIS B 101 5.01 -4.40 -17.24
N CYS B 102 5.64 -3.87 -16.19
CA CYS B 102 6.69 -4.58 -15.46
C CYS B 102 5.98 -4.97 -14.18
N GLU B 103 5.97 -6.27 -13.86
CA GLU B 103 5.29 -6.68 -12.63
C GLU B 103 6.25 -7.34 -11.64
N HIS B 104 6.39 -6.74 -10.47
CA HIS B 104 7.28 -7.29 -9.45
C HIS B 104 6.79 -8.64 -8.97
N GLY B 105 5.47 -8.74 -8.76
CA GLY B 105 4.88 -9.96 -8.26
C GLY B 105 5.03 -11.18 -9.13
N ARG B 106 4.67 -11.05 -10.40
CA ARG B 106 4.78 -12.18 -11.33
C ARG B 106 6.19 -12.23 -11.90
N ARG B 107 6.99 -11.23 -11.58
CA ARG B 107 8.38 -11.14 -12.04
C ARG B 107 8.41 -11.34 -13.55
N ALA B 108 7.67 -10.49 -14.25
CA ALA B 108 7.59 -10.60 -15.69
C ALA B 108 7.09 -9.34 -16.37
N ILE B 109 7.07 -9.39 -17.69
CA ILE B 109 6.57 -8.30 -18.51
C ILE B 109 5.18 -8.79 -18.94
N THR B 110 4.19 -7.92 -18.84
CA THR B 110 2.83 -8.27 -19.23
C THR B 110 2.24 -7.22 -20.16
N ARG B 111 1.09 -7.54 -20.76
CA ARG B 111 0.43 -6.62 -21.68
C ARG B 111 -1.08 -6.70 -21.47
N SER B 112 -1.70 -5.54 -21.32
CA SER B 112 -3.14 -5.45 -21.08
C SER B 112 -3.99 -5.27 -22.34
N ASP B 113 -5.18 -5.86 -22.30
CA ASP B 113 -6.13 -5.77 -23.40
C ASP B 113 -7.11 -4.64 -23.10
N ALA B 114 -8.26 -4.63 -23.80
CA ALA B 114 -9.26 -3.61 -23.58
C ALA B 114 -10.04 -3.87 -22.29
N ASP B 115 -10.16 -5.14 -21.92
CA ASP B 115 -10.88 -5.54 -20.72
C ASP B 115 -10.08 -5.27 -19.46
N GLY B 116 -8.85 -4.79 -19.62
CA GLY B 116 -8.01 -4.53 -18.46
C GLY B 116 -7.44 -5.80 -17.89
N GLN B 117 -7.10 -6.74 -18.78
CA GLN B 117 -6.52 -8.01 -18.36
C GLN B 117 -5.07 -8.02 -18.81
N ALA B 118 -4.15 -8.13 -17.86
CA ALA B 118 -2.72 -8.15 -18.16
C ALA B 118 -2.20 -9.56 -18.43
N HIS B 119 -1.87 -9.83 -19.70
CA HIS B 119 -1.37 -11.13 -20.11
C HIS B 119 0.14 -11.21 -20.09
N LEU B 120 0.65 -12.35 -19.64
CA LEU B 120 2.08 -12.61 -19.55
C LEU B 120 2.76 -12.60 -20.91
N LEU B 121 3.90 -11.92 -21.00
CA LEU B 121 4.67 -11.88 -22.24
C LEU B 121 5.96 -12.66 -22.05
N VAL B 122 6.59 -12.50 -20.88
CA VAL B 122 7.82 -13.22 -20.56
C VAL B 122 8.12 -13.11 -19.07
N GLY B 123 8.52 -14.22 -18.47
CA GLY B 123 8.85 -14.23 -17.06
C GLY B 123 10.13 -14.98 -16.74
N ARG B 124 10.83 -15.44 -17.77
CA ARG B 124 12.07 -16.18 -17.57
C ARG B 124 13.12 -15.82 -18.60
N TYR B 125 14.38 -16.02 -18.23
CA TYR B 125 15.49 -15.81 -19.15
C TYR B 125 16.24 -17.12 -19.16
N ALA B 126 16.38 -17.72 -20.32
CA ALA B 126 17.08 -18.99 -20.43
C ALA B 126 16.53 -20.02 -19.44
N GLY B 127 15.22 -20.01 -19.27
CA GLY B 127 14.58 -20.97 -18.38
C GLY B 127 14.58 -20.67 -16.89
N LYS B 128 15.12 -19.52 -16.50
CA LYS B 128 15.16 -19.15 -15.08
C LYS B 128 14.35 -17.88 -14.88
N ARG B 129 13.57 -17.83 -13.79
CA ARG B 129 12.75 -16.66 -13.52
C ARG B 129 13.54 -15.37 -13.43
N LEU B 130 12.98 -14.30 -13.97
CA LEU B 130 13.62 -12.99 -13.91
C LEU B 130 13.60 -12.56 -12.45
N ASN B 131 14.41 -11.56 -12.11
CA ASN B 131 14.45 -11.06 -10.74
C ASN B 131 13.15 -10.36 -10.38
N SER B 132 12.90 -9.24 -11.07
CA SER B 132 11.70 -8.44 -10.86
C SER B 132 11.76 -7.21 -11.76
N PRO B 133 11.28 -7.34 -13.01
CA PRO B 133 11.27 -6.25 -13.98
C PRO B 133 10.87 -4.94 -13.32
N ASN B 134 11.66 -3.90 -13.55
CA ASN B 134 11.45 -2.61 -12.91
C ASN B 134 10.89 -1.52 -13.82
N ASP B 135 11.56 -1.27 -14.94
CA ASP B 135 11.09 -0.23 -15.86
C ASP B 135 11.25 -0.79 -17.27
N LEU B 136 10.46 -0.27 -18.21
CA LEU B 136 10.52 -0.76 -19.58
C LEU B 136 10.18 0.34 -20.58
N ILE B 137 10.56 0.10 -21.83
CA ILE B 137 10.29 1.02 -22.95
C ILE B 137 10.04 0.13 -24.17
N VAL B 138 9.43 0.71 -25.20
CA VAL B 138 9.17 -0.03 -26.42
C VAL B 138 9.92 0.67 -27.55
N ALA B 139 10.82 -0.06 -28.20
CA ALA B 139 11.59 0.51 -29.30
C ALA B 139 10.70 0.64 -30.52
N ARG B 140 11.15 1.43 -31.49
CA ARG B 140 10.36 1.63 -32.70
C ARG B 140 10.07 0.36 -33.48
N ASP B 141 10.91 -0.66 -33.31
CA ASP B 141 10.68 -1.92 -34.01
C ASP B 141 9.74 -2.84 -33.25
N GLY B 142 9.22 -2.36 -32.11
CA GLY B 142 8.30 -3.16 -31.33
C GLY B 142 8.91 -3.99 -30.22
N ALA B 143 10.24 -4.09 -30.19
CA ALA B 143 10.91 -4.85 -29.15
C ALA B 143 10.70 -4.13 -27.83
N ILE B 144 10.50 -4.90 -26.76
CA ILE B 144 10.33 -4.33 -25.44
C ILE B 144 11.65 -4.45 -24.69
N TRP B 145 12.19 -3.32 -24.24
CA TRP B 145 13.44 -3.31 -23.49
C TRP B 145 13.10 -3.05 -22.02
N PHE B 146 13.79 -3.72 -21.10
CA PHE B 146 13.50 -3.52 -19.69
C PHE B 146 14.66 -3.86 -18.77
N THR B 147 14.58 -3.34 -17.54
CA THR B 147 15.61 -3.57 -16.53
C THR B 147 15.15 -4.62 -15.53
N ASP B 148 16.09 -5.41 -15.02
CA ASP B 148 15.76 -6.46 -14.08
C ASP B 148 16.52 -6.46 -12.76
N PRO B 149 16.36 -5.39 -11.96
CA PRO B 149 17.06 -5.34 -10.67
C PRO B 149 16.27 -6.24 -9.70
N PRO B 150 16.85 -6.57 -8.54
CA PRO B 150 16.18 -7.43 -7.55
C PRO B 150 15.32 -6.70 -6.52
N PHE B 151 14.94 -5.46 -6.81
CA PHE B 151 14.14 -4.71 -5.86
C PHE B 151 12.84 -5.40 -5.46
N GLY B 152 12.16 -6.01 -6.43
CA GLY B 152 10.90 -6.67 -6.14
C GLY B 152 11.06 -7.97 -5.36
N LEU B 153 12.29 -8.35 -5.04
CA LEU B 153 12.53 -9.60 -4.31
C LEU B 153 12.99 -9.37 -2.88
N ARG B 154 13.15 -8.12 -2.49
CA ARG B 154 13.65 -7.81 -1.16
C ARG B 154 12.79 -6.91 -0.29
N LYS B 155 11.58 -6.60 -0.74
CA LYS B 155 10.69 -5.75 0.04
C LYS B 155 9.27 -6.25 -0.11
N PRO B 156 8.70 -6.81 0.98
CA PRO B 156 7.33 -7.35 0.99
C PRO B 156 6.25 -6.41 0.48
N SER B 157 6.39 -5.12 0.76
CA SER B 157 5.39 -4.15 0.32
C SER B 157 5.41 -3.97 -1.19
N GLN B 158 6.42 -4.54 -1.84
CA GLN B 158 6.55 -4.41 -3.28
C GLN B 158 6.69 -5.71 -4.06
N GLY B 159 6.28 -6.83 -3.46
CA GLY B 159 6.36 -8.10 -4.14
C GLY B 159 6.43 -9.27 -3.18
N CYS B 160 6.97 -10.40 -3.63
CA CYS B 160 7.14 -11.58 -2.79
C CYS B 160 8.63 -11.85 -2.66
N PRO B 161 9.16 -11.78 -1.43
CA PRO B 161 10.58 -12.03 -1.19
C PRO B 161 11.04 -13.38 -1.72
N ALA B 162 12.27 -13.43 -2.21
CA ALA B 162 12.84 -14.67 -2.73
C ALA B 162 14.29 -14.46 -3.10
N ASP B 163 15.07 -15.53 -3.04
CA ASP B 163 16.47 -15.47 -3.44
C ASP B 163 16.40 -15.58 -4.96
N PRO B 164 17.12 -14.72 -5.68
CA PRO B 164 17.09 -14.78 -7.14
C PRO B 164 17.61 -16.08 -7.77
N GLU B 165 17.06 -16.41 -8.93
CA GLU B 165 17.47 -17.60 -9.67
C GLU B 165 18.60 -17.21 -10.62
N LEU B 166 18.62 -15.94 -11.00
CA LEU B 166 19.64 -15.43 -11.92
C LEU B 166 20.81 -14.82 -11.14
N ALA B 167 22.02 -14.93 -11.70
CA ALA B 167 23.19 -14.39 -11.03
C ALA B 167 23.57 -13.03 -11.58
N HIS B 168 22.64 -12.40 -12.29
CA HIS B 168 22.90 -11.10 -12.89
C HIS B 168 21.66 -10.20 -12.93
N HIS B 169 21.89 -8.88 -12.94
CA HIS B 169 20.83 -7.88 -13.03
C HIS B 169 21.05 -7.32 -14.43
N SER B 170 20.18 -7.64 -15.38
CA SER B 170 20.39 -7.18 -16.75
C SER B 170 19.34 -6.28 -17.36
N VAL B 171 19.70 -5.76 -18.53
CA VAL B 171 18.81 -4.97 -19.35
C VAL B 171 18.54 -5.99 -20.45
N TYR B 172 17.26 -6.21 -20.77
CA TYR B 172 16.89 -7.19 -21.78
C TYR B 172 16.10 -6.59 -22.92
N ARG B 173 16.10 -7.31 -24.04
CA ARG B 173 15.35 -6.91 -25.22
C ARG B 173 14.47 -8.10 -25.59
N LEU B 174 13.16 -7.90 -25.55
CA LEU B 174 12.22 -8.97 -25.90
C LEU B 174 11.84 -8.76 -27.36
N PRO B 175 12.35 -9.61 -28.27
CA PRO B 175 12.03 -9.47 -29.70
C PRO B 175 10.53 -9.44 -29.95
N PRO B 176 10.08 -8.65 -30.93
CA PRO B 176 8.66 -8.57 -31.25
C PRO B 176 8.09 -9.78 -31.98
N ASP B 177 8.96 -10.66 -32.47
CA ASP B 177 8.54 -11.84 -33.22
C ASP B 177 8.41 -13.14 -32.43
N GLY B 178 8.57 -13.05 -31.11
CA GLY B 178 8.44 -14.24 -30.29
C GLY B 178 9.73 -15.02 -30.05
N SER B 179 10.82 -14.57 -30.66
CA SER B 179 12.10 -15.25 -30.48
C SER B 179 12.58 -15.05 -29.04
N PRO B 180 13.56 -15.86 -28.59
CA PRO B 180 14.07 -15.75 -27.22
C PRO B 180 14.52 -14.40 -26.67
N LEU B 181 14.24 -14.19 -25.39
CA LEU B 181 14.61 -12.96 -24.67
C LEU B 181 16.11 -12.79 -24.82
N GLN B 182 16.55 -11.55 -25.03
CA GLN B 182 17.97 -11.29 -25.22
C GLN B 182 18.63 -10.49 -24.09
N ARG B 183 19.66 -11.08 -23.50
CA ARG B 183 20.42 -10.47 -22.42
C ARG B 183 21.36 -9.47 -23.09
N MET B 184 21.11 -8.18 -22.93
CA MET B 184 21.93 -7.17 -23.57
C MET B 184 23.12 -6.61 -22.76
N ALA B 185 22.98 -6.56 -21.45
CA ALA B 185 24.07 -6.07 -20.62
C ALA B 185 23.78 -6.35 -19.15
N ASP B 186 24.84 -6.54 -18.37
CA ASP B 186 24.71 -6.78 -16.94
C ASP B 186 25.08 -5.50 -16.22
N LEU B 187 24.28 -5.12 -15.24
CA LEU B 187 24.53 -3.90 -14.49
C LEU B 187 24.37 -4.14 -12.99
N ASP B 188 24.49 -3.07 -12.22
CA ASP B 188 24.35 -3.14 -10.77
C ASP B 188 23.05 -2.44 -10.41
N HIS B 189 21.99 -3.21 -10.23
CA HIS B 189 20.69 -2.65 -9.90
C HIS B 189 20.21 -1.69 -10.98
N PRO B 190 20.14 -2.16 -12.25
CA PRO B 190 19.68 -1.32 -13.34
C PRO B 190 18.27 -0.86 -12.99
N ASN B 191 17.93 0.38 -13.32
CA ASN B 191 16.63 0.89 -12.95
C ASN B 191 15.84 1.50 -14.10
N GLY B 192 16.04 2.77 -14.37
CA GLY B 192 15.31 3.40 -15.46
C GLY B 192 16.05 3.22 -16.78
N LEU B 193 15.37 3.49 -17.88
CA LEU B 193 15.99 3.40 -19.19
C LEU B 193 15.23 4.21 -20.21
N ALA B 194 15.92 4.61 -21.28
CA ALA B 194 15.33 5.40 -22.34
C ALA B 194 16.28 5.46 -23.52
N PHE B 195 15.73 5.47 -24.73
CA PHE B 195 16.52 5.56 -25.95
C PHE B 195 16.68 7.02 -26.35
N SER B 196 17.74 7.31 -27.07
CA SER B 196 17.97 8.67 -27.58
C SER B 196 16.99 8.77 -28.74
N PRO B 197 16.72 9.99 -29.22
CA PRO B 197 15.78 10.13 -30.34
C PRO B 197 16.07 9.19 -31.53
N ASP B 198 17.34 9.08 -31.91
CA ASP B 198 17.72 8.23 -33.04
C ASP B 198 17.98 6.78 -32.64
N GLU B 199 17.67 6.44 -31.39
CA GLU B 199 17.87 5.08 -30.87
C GLU B 199 19.29 4.56 -31.00
N GLN B 200 20.24 5.44 -31.24
CA GLN B 200 21.64 5.03 -31.36
C GLN B 200 22.30 4.93 -30.01
N THR B 201 21.67 5.53 -28.99
CA THR B 201 22.20 5.48 -27.65
C THR B 201 21.10 5.03 -26.69
N LEU B 202 21.45 4.11 -25.79
CA LEU B 202 20.51 3.64 -24.80
C LEU B 202 21.02 4.08 -23.43
N TYR B 203 20.18 4.75 -22.67
CA TYR B 203 20.55 5.19 -21.33
C TYR B 203 19.86 4.27 -20.33
N VAL B 204 20.61 3.85 -19.32
CA VAL B 204 20.08 2.98 -18.27
C VAL B 204 20.69 3.46 -16.96
N SER B 205 19.85 3.68 -15.93
CA SER B 205 20.41 4.11 -14.66
C SER B 205 20.73 2.91 -13.80
N GLN B 206 21.68 3.09 -12.88
CA GLN B 206 22.09 2.05 -11.96
C GLN B 206 21.94 2.67 -10.58
N THR B 207 21.19 2.01 -9.71
CA THR B 207 20.97 2.56 -8.38
C THR B 207 21.22 1.59 -7.22
N PRO B 208 22.47 1.13 -7.07
CA PRO B 208 22.82 0.21 -5.98
C PRO B 208 22.79 0.94 -4.64
N GLY B 213 28.85 0.47 -5.19
CA GLY B 213 28.54 0.63 -6.61
C GLY B 213 28.24 2.06 -6.99
N SER B 214 28.45 2.39 -8.25
CA SER B 214 28.20 3.74 -8.74
C SER B 214 26.72 3.99 -9.04
N VAL B 215 26.16 5.04 -8.45
CA VAL B 215 24.77 5.42 -8.67
C VAL B 215 24.84 6.44 -9.81
N GLU B 216 24.39 6.05 -10.99
CA GLU B 216 24.48 6.93 -12.14
C GLU B 216 23.55 6.53 -13.27
N ILE B 217 23.61 7.33 -14.33
CA ILE B 217 22.86 7.07 -15.55
C ILE B 217 23.99 6.67 -16.50
N THR B 218 23.90 5.47 -17.05
CA THR B 218 24.91 4.95 -17.95
C THR B 218 24.44 5.03 -19.39
N ALA B 219 25.38 5.25 -20.31
CA ALA B 219 25.05 5.34 -21.73
C ALA B 219 25.68 4.17 -22.46
N PHE B 220 24.97 3.65 -23.45
CA PHE B 220 25.41 2.52 -24.27
C PHE B 220 25.15 2.84 -25.74
N ALA B 221 25.95 2.25 -26.62
CA ALA B 221 25.76 2.42 -28.04
C ALA B 221 24.93 1.23 -28.50
N TRP B 222 23.81 1.49 -29.17
CA TRP B 222 22.95 0.44 -29.68
C TRP B 222 23.26 0.29 -31.17
N ARG B 223 23.94 -0.79 -31.53
CA ARG B 223 24.28 -1.03 -32.93
C ARG B 223 24.70 -2.47 -33.17
N ASP B 224 24.45 -2.95 -34.37
CA ASP B 224 24.79 -4.30 -34.77
C ASP B 224 24.28 -5.38 -33.82
N GLY B 225 23.02 -5.25 -33.41
CA GLY B 225 22.40 -6.21 -32.53
C GLY B 225 22.94 -6.33 -31.11
N ALA B 226 23.69 -5.33 -30.66
CA ALA B 226 24.23 -5.38 -29.31
C ALA B 226 24.47 -4.01 -28.70
N LEU B 227 24.81 -3.99 -27.42
CA LEU B 227 25.11 -2.75 -26.71
C LEU B 227 26.62 -2.62 -26.63
N HIS B 228 27.13 -1.45 -26.99
CA HIS B 228 28.57 -1.19 -26.98
C HIS B 228 28.94 0.09 -26.23
N ASP B 229 30.25 0.34 -26.20
CA ASP B 229 30.83 1.53 -25.59
C ASP B 229 30.13 2.02 -24.33
N ARG B 230 30.10 1.17 -23.31
CA ARG B 230 29.50 1.51 -22.03
C ARG B 230 30.29 2.63 -21.36
N ARG B 231 29.60 3.66 -20.87
CA ARG B 231 30.27 4.77 -20.18
C ARG B 231 29.32 5.58 -19.30
N HIS B 232 29.90 6.30 -18.35
CA HIS B 232 29.13 7.13 -17.45
C HIS B 232 28.57 8.30 -18.25
N PHE B 233 27.29 8.59 -18.05
CA PHE B 233 26.64 9.68 -18.77
C PHE B 233 26.38 10.88 -17.86
N ALA B 234 25.79 10.64 -16.71
CA ALA B 234 25.48 11.71 -15.77
C ALA B 234 25.16 11.19 -14.39
N SER B 235 25.17 12.09 -13.42
CA SER B 235 24.85 11.77 -12.04
C SER B 235 23.95 12.89 -11.55
N VAL B 236 23.00 12.58 -10.68
CA VAL B 236 22.14 13.64 -10.17
C VAL B 236 22.72 14.07 -8.84
N PRO B 237 22.61 15.37 -8.52
CA PRO B 237 23.16 15.89 -7.26
C PRO B 237 22.67 15.17 -6.00
N ASP B 238 21.38 14.88 -5.92
CA ASP B 238 20.84 14.22 -4.74
C ASP B 238 19.93 13.05 -5.04
N GLY B 239 19.99 12.05 -4.17
CA GLY B 239 19.14 10.88 -4.35
C GLY B 239 19.53 9.99 -5.51
N LEU B 240 18.55 9.25 -6.02
CA LEU B 240 18.80 8.32 -7.10
C LEU B 240 18.17 8.68 -8.42
N PRO B 241 18.90 8.47 -9.52
CA PRO B 241 18.34 8.77 -10.84
C PRO B 241 17.55 7.49 -11.09
N ASP B 242 16.31 7.47 -10.61
CA ASP B 242 15.44 6.30 -10.71
C ASP B 242 14.93 6.15 -12.14
N GLY B 243 13.78 6.77 -12.40
CA GLY B 243 13.19 6.72 -13.73
C GLY B 243 13.47 8.04 -14.43
N PHE B 244 13.52 8.02 -15.75
CA PHE B 244 13.82 9.23 -16.52
C PHE B 244 13.32 9.07 -17.94
N CYS B 245 13.31 10.17 -18.68
CA CYS B 245 12.87 10.14 -20.08
C CYS B 245 13.73 11.09 -20.91
N VAL B 246 13.65 10.93 -22.23
CA VAL B 246 14.42 11.76 -23.15
C VAL B 246 13.44 12.38 -24.15
N ASP B 247 13.53 13.68 -24.36
CA ASP B 247 12.63 14.33 -25.30
C ASP B 247 13.16 14.30 -26.72
N ARG B 248 12.30 14.65 -27.67
CA ARG B 248 12.65 14.65 -29.09
C ARG B 248 13.90 15.44 -29.43
N GLY B 249 14.26 16.39 -28.57
CA GLY B 249 15.43 17.20 -28.80
C GLY B 249 16.70 16.56 -28.28
N GLY B 250 16.58 15.49 -27.51
CA GLY B 250 17.76 14.81 -27.00
C GLY B 250 18.08 15.04 -25.53
N TRP B 251 17.30 15.91 -24.88
CA TRP B 251 17.54 16.19 -23.47
C TRP B 251 17.00 15.06 -22.61
N LEU B 252 17.70 14.76 -21.52
CA LEU B 252 17.28 13.71 -20.61
C LEU B 252 16.78 14.37 -19.34
N TRP B 253 15.52 14.07 -18.99
CA TRP B 253 14.88 14.62 -17.81
C TRP B 253 14.82 13.46 -16.83
N SER B 254 15.56 13.57 -15.73
CA SER B 254 15.63 12.49 -14.77
C SER B 254 15.14 12.80 -13.37
N SER B 255 14.52 11.80 -12.75
CA SER B 255 14.04 11.92 -11.39
C SER B 255 15.27 11.99 -10.48
N SER B 256 15.06 12.42 -9.24
CA SER B 256 16.13 12.52 -8.27
C SER B 256 15.48 12.71 -6.91
N GLY B 257 16.28 12.72 -5.85
CA GLY B 257 15.72 12.87 -4.52
C GLY B 257 15.01 14.19 -4.25
N THR B 258 15.40 15.23 -4.96
CA THR B 258 14.82 16.56 -4.77
C THR B 258 13.94 17.06 -5.90
N GLY B 259 13.82 16.27 -6.96
CA GLY B 259 13.01 16.68 -8.09
C GLY B 259 13.57 16.16 -9.39
N VAL B 260 13.37 16.90 -10.48
CA VAL B 260 13.86 16.47 -11.78
C VAL B 260 15.04 17.27 -12.31
N CYS B 261 16.09 16.56 -12.71
CA CYS B 261 17.28 17.20 -13.27
C CYS B 261 17.22 17.05 -14.79
N VAL B 262 17.63 18.09 -15.50
CA VAL B 262 17.60 18.05 -16.96
C VAL B 262 19.01 18.12 -17.53
N PHE B 263 19.35 17.21 -18.42
CA PHE B 263 20.68 17.18 -19.04
C PHE B 263 20.57 17.22 -20.56
N ASP B 264 21.55 17.83 -21.23
CA ASP B 264 21.53 17.85 -22.69
C ASP B 264 22.14 16.54 -23.16
N SER B 265 22.18 16.30 -24.47
CA SER B 265 22.72 15.04 -24.97
C SER B 265 24.19 14.82 -24.62
N ASP B 266 24.88 15.85 -24.15
CA ASP B 266 26.29 15.71 -23.78
C ASP B 266 26.48 15.42 -22.30
N GLY B 267 25.38 15.40 -21.55
CA GLY B 267 25.47 15.12 -20.12
C GLY B 267 25.57 16.36 -19.26
N GLN B 268 25.51 17.53 -19.89
CA GLN B 268 25.57 18.78 -19.16
C GLN B 268 24.26 19.04 -18.42
N LEU B 269 24.36 19.36 -17.14
CA LEU B 269 23.19 19.65 -16.32
C LEU B 269 22.72 21.04 -16.73
N LEU B 270 21.45 21.16 -17.08
CA LEU B 270 20.88 22.45 -17.51
C LEU B 270 20.07 23.14 -16.42
N GLY B 271 19.46 22.36 -15.53
CA GLY B 271 18.65 22.94 -14.49
C GLY B 271 17.98 21.89 -13.63
N HIS B 272 17.24 22.35 -12.62
CA HIS B 272 16.55 21.46 -11.70
C HIS B 272 15.13 21.94 -11.43
N ILE B 273 14.19 21.00 -11.39
CA ILE B 273 12.80 21.31 -11.14
C ILE B 273 12.42 20.66 -9.81
N PRO B 274 12.32 21.46 -8.73
CA PRO B 274 11.96 20.89 -7.43
C PRO B 274 10.58 20.25 -7.39
N THR B 275 10.45 19.21 -6.56
CA THR B 275 9.19 18.52 -6.36
C THR B 275 9.00 18.47 -4.83
N PRO B 276 7.75 18.43 -4.35
CA PRO B 276 7.54 18.38 -2.90
C PRO B 276 8.07 17.14 -2.19
N GLY B 277 8.40 16.11 -2.96
CA GLY B 277 8.91 14.89 -2.38
C GLY B 277 9.87 14.21 -3.35
N THR B 278 10.43 13.07 -2.93
CA THR B 278 11.34 12.34 -3.80
C THR B 278 10.60 11.98 -5.09
N ALA B 279 11.28 12.13 -6.22
CA ALA B 279 10.68 11.80 -7.52
C ALA B 279 11.16 10.42 -7.94
N SER B 280 10.25 9.59 -8.41
CA SER B 280 10.60 8.24 -8.82
C SER B 280 10.70 8.07 -10.33
N ASN B 281 9.98 8.87 -11.09
CA ASN B 281 9.99 8.72 -12.54
C ASN B 281 9.35 9.94 -13.19
N CYS B 282 9.38 10.00 -14.51
CA CYS B 282 8.77 11.11 -15.23
C CYS B 282 8.66 10.78 -16.72
N THR B 283 7.78 11.48 -17.42
CA THR B 283 7.57 11.26 -18.85
C THR B 283 6.82 12.45 -19.42
N PHE B 284 6.76 12.54 -20.74
CA PHE B 284 6.05 13.65 -21.39
C PHE B 284 4.80 13.15 -22.10
N ASP B 285 3.89 14.07 -22.38
CA ASP B 285 2.69 13.69 -23.13
C ASP B 285 3.13 13.67 -24.59
N GLN B 286 2.21 13.32 -25.48
CA GLN B 286 2.50 13.25 -26.90
C GLN B 286 3.19 14.51 -27.45
N ALA B 287 2.57 15.66 -27.21
CA ALA B 287 3.11 16.92 -27.71
C ALA B 287 4.34 17.40 -26.94
N GLN B 288 4.63 16.75 -25.82
CA GLN B 288 5.77 17.10 -24.97
C GLN B 288 5.59 18.52 -24.44
N GLN B 289 4.35 18.85 -24.09
CA GLN B 289 4.00 20.15 -23.56
C GLN B 289 3.69 20.05 -22.07
N ARG B 290 3.59 18.81 -21.58
CA ARG B 290 3.31 18.57 -20.17
C ARG B 290 4.24 17.50 -19.64
N LEU B 291 4.96 17.83 -18.58
CA LEU B 291 5.89 16.90 -17.95
C LEU B 291 5.22 16.29 -16.72
N PHE B 292 5.01 14.98 -16.74
CA PHE B 292 4.40 14.28 -15.62
C PHE B 292 5.51 13.69 -14.76
N ILE B 293 5.36 13.83 -13.44
CA ILE B 293 6.37 13.31 -12.51
C ILE B 293 5.68 12.52 -11.40
N THR B 294 6.18 11.31 -11.14
CA THR B 294 5.61 10.48 -10.08
C THR B 294 6.50 10.52 -8.86
N GLY B 295 5.91 10.32 -7.68
CA GLY B 295 6.69 10.33 -6.47
C GLY B 295 5.82 10.15 -5.25
N GLY B 296 6.04 9.06 -4.52
CA GLY B 296 5.24 8.80 -3.35
C GLY B 296 3.77 8.73 -3.67
N PRO B 297 2.91 9.32 -2.84
CA PRO B 297 1.48 9.27 -3.12
C PRO B 297 1.04 10.18 -4.28
N CYS B 298 2.00 10.83 -4.93
CA CYS B 298 1.64 11.79 -5.97
C CYS B 298 2.00 11.60 -7.43
N LEU B 299 1.22 12.32 -8.24
CA LEU B 299 1.40 12.44 -9.68
C LEU B 299 1.41 13.98 -9.81
N TRP B 300 2.54 14.52 -10.23
CA TRP B 300 2.69 15.96 -10.42
C TRP B 300 2.80 16.22 -11.92
N MET B 301 2.58 17.47 -12.33
CA MET B 301 2.67 17.85 -13.73
C MET B 301 3.15 19.28 -13.86
N LEU B 302 4.06 19.51 -14.82
CA LEU B 302 4.57 20.85 -15.08
C LEU B 302 4.10 21.24 -16.49
N PRO B 303 3.23 22.26 -16.60
CA PRO B 303 2.75 22.67 -17.91
C PRO B 303 3.72 23.62 -18.60
N LEU B 304 4.28 23.19 -19.73
CA LEU B 304 5.21 24.02 -20.48
C LEU B 304 4.45 24.91 -21.46
N PRO B 305 4.92 26.16 -21.62
CA PRO B 305 4.26 27.09 -22.54
C PRO B 305 4.50 26.74 -24.00
CA CA C . -10.76 -7.87 18.21
CA CA D . -10.32 0.09 13.12
CA CA E . 1.96 -11.08 -6.52
CA CA F . 12.25 2.53 -11.31
CA CA G . -11.03 -0.99 -5.67
CA CA H . 9.43 5.73 -19.73
#